data_8YRV
#
_entry.id   8YRV
#
_cell.length_a   86.772
_cell.length_b   71.232
_cell.length_c   52.549
_cell.angle_alpha   90.00
_cell.angle_beta   101.26
_cell.angle_gamma   90.00
#
_symmetry.space_group_name_H-M   'C 1 2 1'
#
loop_
_entity.id
_entity.type
_entity.pdbx_description
1 polymer 'Aminotransferase class IV'
2 non-polymer '3-[(~{E})-[2-methyl-3-oxidanyl-5-(phosphonooxymethyl)pyridin-4-yl]methylideneamino]oxypropanoic acid'
3 non-polymer 'MAGNESIUM ION'
4 water water
#
_entity_poly.entity_id   1
_entity_poly.type   'polypeptide(L)'
_entity_poly.pdbx_seq_one_letter_code
;GHMIKYYNINGQQVPVENATLHVSDLSILRGYGIFDYFLAREGHPLFLDDYLNRFYRSAAELYLEIPFDKAELRRQIYAL
LQANEVREAGIRLVLTGGYSPDGYTPVNPNLLIMMYDLPASAWEFSAQGIKIITHPFQRELPEVKTINYSTGIRMLKTIK
ERGATDLIYVDQGEWIRESARSNFFLVMPDNTIVTADEKILWGITRRQVIDAAREAGYAVEERRIHITELDQAREAFFTS
TIKGVMAIGQIDDRVFGDGTIGKVTQELQDLFVGKVKAYLETC
;
_entity_poly.pdbx_strand_id   A
#
# COMPACT_ATOMS: atom_id res chain seq x y z
N GLY A 1 20.74 2.88 10.97
CA GLY A 1 21.97 2.10 11.27
C GLY A 1 22.53 1.47 10.00
N HIS A 2 22.55 0.15 9.93
CA HIS A 2 23.42 -0.57 8.99
C HIS A 2 22.94 -0.38 7.55
N MET A 3 23.88 -0.36 6.63
CA MET A 3 23.55 -0.25 5.18
C MET A 3 22.90 -1.57 4.75
N ILE A 4 21.98 -1.47 3.81
CA ILE A 4 21.40 -2.70 3.20
C ILE A 4 22.46 -3.37 2.30
N LYS A 5 22.87 -4.56 2.64
CA LYS A 5 23.92 -5.29 1.88
C LYS A 5 23.30 -6.43 1.06
N TYR A 6 22.15 -6.97 1.52
CA TYR A 6 21.61 -8.22 0.95
C TYR A 6 20.13 -8.12 0.61
N TYR A 7 19.79 -8.73 -0.52
CA TYR A 7 18.41 -9.12 -0.87
C TYR A 7 18.31 -10.65 -0.82
N ASN A 8 17.12 -11.19 -1.09
CA ASN A 8 16.96 -12.64 -1.21
C ASN A 8 16.28 -12.92 -2.55
N ILE A 9 16.85 -13.80 -3.36
CA ILE A 9 16.20 -14.25 -4.62
C ILE A 9 16.01 -15.76 -4.52
N ASN A 10 14.76 -16.18 -4.58
CA ASN A 10 14.43 -17.61 -4.63
C ASN A 10 15.07 -18.33 -3.45
N GLY A 11 15.04 -17.69 -2.28
CA GLY A 11 15.50 -18.30 -1.02
C GLY A 11 17.01 -18.21 -0.82
N GLN A 12 17.76 -17.60 -1.73
CA GLN A 12 19.23 -17.36 -1.55
C GLN A 12 19.46 -15.91 -1.18
N GLN A 13 20.20 -15.66 -0.11
CA GLN A 13 20.70 -14.30 0.18
C GLN A 13 21.76 -13.96 -0.87
N VAL A 14 21.61 -12.79 -1.49
CA VAL A 14 22.56 -12.29 -2.51
C VAL A 14 22.92 -10.86 -2.14
N PRO A 15 24.18 -10.46 -2.36
CA PRO A 15 24.52 -9.05 -2.29
C PRO A 15 23.61 -8.26 -3.25
N VAL A 16 23.21 -7.08 -2.81
CA VAL A 16 22.33 -6.18 -3.60
C VAL A 16 22.89 -5.99 -5.01
N GLU A 17 24.21 -5.86 -5.19
CA GLU A 17 24.83 -5.64 -6.52
C GLU A 17 24.56 -6.84 -7.45
N ASN A 18 24.22 -8.02 -6.92
CA ASN A 18 24.06 -9.24 -7.75
C ASN A 18 22.60 -9.69 -7.76
N ALA A 19 21.71 -8.90 -7.20
CA ALA A 19 20.25 -9.17 -7.21
C ALA A 19 19.72 -8.84 -8.60
N THR A 20 19.76 -9.81 -9.51
CA THR A 20 19.29 -9.65 -10.90
C THR A 20 18.29 -10.74 -11.29
N LEU A 21 17.51 -10.50 -12.34
CA LEU A 21 16.69 -11.55 -12.98
C LEU A 21 17.06 -11.60 -14.45
N HIS A 22 17.10 -12.81 -15.00
CA HIS A 22 17.23 -12.97 -16.46
C HIS A 22 16.05 -12.30 -17.16
N VAL A 23 16.30 -11.75 -18.35
CA VAL A 23 15.33 -10.89 -19.05
C VAL A 23 14.15 -11.70 -19.56
N SER A 24 14.18 -13.04 -19.48
CA SER A 24 13.03 -13.90 -19.88
C SER A 24 11.94 -13.86 -18.80
N ASP A 25 12.19 -13.19 -17.67
CA ASP A 25 11.21 -13.14 -16.57
C ASP A 25 9.93 -12.44 -17.03
N LEU A 26 8.76 -12.96 -16.67
CA LEU A 26 7.45 -12.45 -17.17
C LEU A 26 7.12 -11.09 -16.56
N SER A 27 7.74 -10.66 -15.46
CA SER A 27 7.46 -9.30 -14.97
C SER A 27 8.04 -8.32 -16.01
N ILE A 28 9.25 -8.59 -16.47
CA ILE A 28 9.92 -7.75 -17.47
C ILE A 28 9.13 -7.77 -18.78
N LEU A 29 8.77 -8.97 -19.29
CA LEU A 29 8.19 -9.02 -20.66
C LEU A 29 6.68 -8.77 -20.67
N ARG A 30 5.95 -9.05 -19.59
CA ARG A 30 4.47 -9.14 -19.61
C ARG A 30 3.82 -8.51 -18.37
N GLY A 31 4.63 -7.84 -17.56
CA GLY A 31 4.17 -7.21 -16.31
C GLY A 31 3.38 -8.20 -15.46
N TYR A 32 3.78 -9.46 -15.41
CA TYR A 32 3.00 -10.51 -14.71
C TYR A 32 3.66 -10.77 -13.35
N GLY A 33 3.00 -10.36 -12.28
CA GLY A 33 3.54 -10.58 -10.94
C GLY A 33 2.66 -9.93 -9.90
N ILE A 34 2.91 -10.29 -8.66
CA ILE A 34 2.25 -9.63 -7.50
C ILE A 34 3.37 -9.19 -6.57
N PHE A 35 3.04 -8.37 -5.57
CA PHE A 35 4.06 -7.94 -4.60
C PHE A 35 3.35 -7.60 -3.31
N ASP A 36 4.15 -7.35 -2.29
CA ASP A 36 3.64 -6.72 -1.07
C ASP A 36 4.81 -5.91 -0.49
N TYR A 37 4.49 -5.06 0.46
CA TYR A 37 5.45 -4.09 1.01
C TYR A 37 4.99 -3.81 2.44
N PHE A 38 5.91 -3.91 3.38
CA PHE A 38 5.57 -3.64 4.80
C PHE A 38 6.83 -3.08 5.45
N LEU A 39 6.64 -2.38 6.55
CA LEU A 39 7.74 -1.85 7.36
C LEU A 39 8.05 -2.83 8.46
N ALA A 40 9.28 -2.72 8.93
CA ALA A 40 9.76 -3.37 10.16
C ALA A 40 10.20 -2.24 11.12
N ARG A 41 9.84 -2.40 12.39
CA ARG A 41 10.28 -1.49 13.49
C ARG A 41 10.68 -2.39 14.63
N GLU A 42 11.68 -1.97 15.40
CA GLU A 42 12.12 -2.75 16.57
C GLU A 42 12.46 -4.18 16.15
N GLY A 43 12.90 -4.37 14.91
CA GLY A 43 13.27 -5.69 14.40
C GLY A 43 12.08 -6.54 14.01
N HIS A 44 10.88 -5.97 13.88
CA HIS A 44 9.66 -6.75 13.57
C HIS A 44 8.88 -6.15 12.41
N PRO A 45 8.69 -6.90 11.32
CA PRO A 45 7.72 -6.50 10.29
C PRO A 45 6.34 -6.28 10.93
N LEU A 46 5.72 -5.15 10.61
CA LEU A 46 4.42 -4.78 11.23
C LEU A 46 3.28 -5.62 10.63
N PHE A 47 2.34 -6.06 11.46
CA PHE A 47 1.11 -6.74 11.00
C PHE A 47 1.47 -7.85 10.03
N LEU A 48 2.56 -8.57 10.29
CA LEU A 48 3.21 -9.38 9.23
C LEU A 48 2.23 -10.43 8.71
N ASP A 49 1.47 -11.08 9.59
CA ASP A 49 0.59 -12.17 9.18
C ASP A 49 -0.44 -11.63 8.18
N ASP A 50 -0.91 -10.39 8.40
CA ASP A 50 -1.93 -9.79 7.51
C ASP A 50 -1.29 -9.55 6.14
N TYR A 51 -0.09 -8.98 6.10
CA TYR A 51 0.59 -8.78 4.81
C TYR A 51 0.85 -10.12 4.11
N LEU A 52 1.37 -11.12 4.82
CA LEU A 52 1.70 -12.41 4.18
C LEU A 52 0.41 -13.06 3.70
N ASN A 53 -0.66 -12.97 4.46
CA ASN A 53 -1.95 -13.52 3.98
C ASN A 53 -2.34 -12.86 2.66
N ARG A 54 -2.18 -11.56 2.56
CA ARG A 54 -2.52 -10.86 1.31
C ARG A 54 -1.60 -11.33 0.19
N PHE A 55 -0.33 -11.51 0.49
CA PHE A 55 0.66 -11.94 -0.50
C PHE A 55 0.24 -13.28 -1.11
N TYR A 56 -0.10 -14.24 -0.24
CA TYR A 56 -0.55 -15.60 -0.64
C TYR A 56 -1.85 -15.47 -1.45
N ARG A 57 -2.79 -14.62 -1.05
CA ARG A 57 -4.07 -14.45 -1.80
C ARG A 57 -3.78 -13.88 -3.19
N SER A 58 -2.89 -12.89 -3.25
CA SER A 58 -2.49 -12.20 -4.51
C SER A 58 -1.92 -13.24 -5.45
N ALA A 59 -1.02 -14.07 -4.93
CA ALA A 59 -0.35 -15.10 -5.73
C ALA A 59 -1.41 -16.05 -6.32
N ALA A 60 -2.39 -16.47 -5.52
CA ALA A 60 -3.39 -17.48 -5.93
C ALA A 60 -4.24 -16.91 -7.06
N GLU A 61 -4.52 -15.61 -7.02
CA GLU A 61 -5.28 -14.93 -8.07
C GLU A 61 -4.53 -14.93 -9.40
N LEU A 62 -3.19 -14.99 -9.40
CA LEU A 62 -2.44 -15.09 -10.68
C LEU A 62 -2.02 -16.54 -10.96
N TYR A 63 -2.49 -17.49 -10.16
CA TYR A 63 -2.14 -18.93 -10.28
C TYR A 63 -0.62 -19.12 -10.18
N LEU A 64 0.02 -18.30 -9.34
CA LEU A 64 1.48 -18.39 -9.09
C LEU A 64 1.68 -19.01 -7.72
N GLU A 65 2.34 -20.15 -7.67
CA GLU A 65 2.58 -20.81 -6.38
C GLU A 65 3.88 -20.28 -5.77
N ILE A 66 3.79 -19.74 -4.56
CA ILE A 66 4.97 -19.26 -3.79
C ILE A 66 5.73 -20.52 -3.41
N PRO A 67 7.06 -20.57 -3.64
CA PRO A 67 7.83 -21.80 -3.48
C PRO A 67 8.08 -22.19 -2.02
N PHE A 68 7.69 -21.36 -1.07
CA PHE A 68 7.86 -21.55 0.40
C PHE A 68 6.50 -21.41 1.04
N ASP A 69 6.19 -22.17 2.10
CA ASP A 69 4.97 -21.91 2.90
C ASP A 69 5.16 -20.62 3.72
N LYS A 70 4.12 -20.11 4.34
CA LYS A 70 4.12 -18.78 5.02
C LYS A 70 5.15 -18.74 6.17
N ALA A 71 5.30 -19.81 6.96
CA ALA A 71 6.26 -19.84 8.09
C ALA A 71 7.70 -19.77 7.53
N GLU A 72 7.97 -20.39 6.40
CA GLU A 72 9.32 -20.43 5.77
C GLU A 72 9.61 -19.06 5.15
N LEU A 73 8.59 -18.42 4.58
CA LEU A 73 8.78 -17.07 4.04
C LEU A 73 9.07 -16.09 5.18
N ARG A 74 8.32 -16.20 6.27
CA ARG A 74 8.52 -15.36 7.49
C ARG A 74 9.97 -15.54 7.97
N ARG A 75 10.47 -16.77 8.00
CA ARG A 75 11.87 -17.08 8.39
C ARG A 75 12.85 -16.34 7.48
N GLN A 76 12.66 -16.46 6.17
CA GLN A 76 13.51 -15.77 5.19
C GLN A 76 13.49 -14.28 5.44
N ILE A 77 12.32 -13.71 5.74
CA ILE A 77 12.24 -12.25 5.97
C ILE A 77 13.09 -11.92 7.21
N TYR A 78 12.87 -12.62 8.32
CA TYR A 78 13.56 -12.34 9.60
C TYR A 78 15.07 -12.54 9.41
N ALA A 79 15.45 -13.58 8.68
CA ALA A 79 16.86 -13.89 8.38
C ALA A 79 17.47 -12.72 7.61
N LEU A 80 16.73 -12.17 6.66
CA LEU A 80 17.24 -11.03 5.88
C LEU A 80 17.40 -9.78 6.76
N LEU A 81 16.46 -9.47 7.67
CA LEU A 81 16.66 -8.34 8.62
C LEU A 81 17.96 -8.53 9.38
N GLN A 82 18.21 -9.74 9.86
CA GLN A 82 19.43 -10.05 10.66
C GLN A 82 20.68 -9.94 9.79
N ALA A 83 20.65 -10.48 8.56
CA ALA A 83 21.76 -10.39 7.62
C ALA A 83 22.14 -8.92 7.38
N ASN A 84 21.15 -8.05 7.22
CA ASN A 84 21.36 -6.60 6.96
C ASN A 84 21.63 -5.84 8.26
N GLU A 85 21.52 -6.51 9.39
CA GLU A 85 21.73 -5.96 10.77
C GLU A 85 20.91 -4.68 10.92
N VAL A 86 19.63 -4.76 10.55
CA VAL A 86 18.69 -3.62 10.72
C VAL A 86 17.47 -4.07 11.52
N ARG A 87 16.96 -3.13 12.29
CA ARG A 87 15.71 -3.27 13.09
C ARG A 87 14.58 -2.42 12.48
N GLU A 88 14.93 -1.45 11.64
CA GLU A 88 14.06 -0.38 11.09
C GLU A 88 14.21 -0.52 9.57
N ALA A 89 13.16 -0.87 8.82
CA ALA A 89 13.34 -1.11 7.36
C ALA A 89 12.00 -1.08 6.67
N GLY A 90 12.05 -0.85 5.35
CA GLY A 90 10.99 -1.27 4.42
C GLY A 90 11.34 -2.59 3.76
N ILE A 91 10.32 -3.42 3.53
CA ILE A 91 10.52 -4.78 2.98
C ILE A 91 9.54 -4.95 1.83
N ARG A 92 10.07 -5.36 0.67
CA ARG A 92 9.26 -5.61 -0.54
C ARG A 92 9.32 -7.09 -0.87
N LEU A 93 8.17 -7.74 -1.02
CA LEU A 93 8.12 -9.10 -1.59
C LEU A 93 7.69 -8.95 -3.03
N VAL A 94 8.31 -9.70 -3.94
CA VAL A 94 7.84 -9.73 -5.36
C VAL A 94 7.78 -11.17 -5.81
N LEU A 95 6.69 -11.55 -6.45
CA LEU A 95 6.51 -12.87 -7.08
C LEU A 95 6.16 -12.65 -8.54
N THR A 96 7.08 -12.97 -9.42
CA THR A 96 6.91 -12.75 -10.86
C THR A 96 6.40 -14.04 -11.48
N GLY A 97 5.92 -13.95 -12.70
CA GLY A 97 5.51 -15.12 -13.45
C GLY A 97 6.69 -15.98 -13.85
N GLY A 98 7.91 -15.56 -13.61
CA GLY A 98 9.04 -16.46 -13.80
C GLY A 98 9.62 -16.43 -15.20
N TYR A 99 10.62 -17.24 -15.38
CA TYR A 99 11.37 -17.37 -16.64
C TYR A 99 10.55 -18.22 -17.60
N SER A 100 9.83 -17.56 -18.48
CA SER A 100 8.84 -18.21 -19.38
C SER A 100 9.50 -18.71 -20.66
N PRO A 101 9.17 -19.93 -21.12
CA PRO A 101 9.70 -20.45 -22.38
C PRO A 101 9.34 -19.67 -23.63
N ASP A 102 8.15 -19.03 -23.65
CA ASP A 102 7.51 -18.42 -24.84
C ASP A 102 7.18 -16.94 -24.59
N GLY A 103 7.72 -16.33 -23.51
CA GLY A 103 7.48 -14.91 -23.25
C GLY A 103 6.03 -14.63 -22.95
N TYR A 104 5.28 -15.59 -22.43
CA TYR A 104 3.84 -15.41 -22.11
C TYR A 104 3.34 -16.39 -21.03
N THR A 105 3.64 -17.69 -21.18
CA THR A 105 3.07 -18.74 -20.32
C THR A 105 3.93 -18.86 -19.08
N PRO A 106 3.40 -18.64 -17.87
CA PRO A 106 4.21 -18.83 -16.67
C PRO A 106 4.66 -20.30 -16.58
N VAL A 107 5.87 -20.57 -16.08
CA VAL A 107 6.40 -21.95 -15.90
C VAL A 107 6.83 -22.12 -14.43
N ASN A 108 7.55 -21.17 -13.86
CA ASN A 108 8.08 -21.23 -12.47
C ASN A 108 8.22 -19.79 -11.96
N PRO A 109 7.51 -19.31 -10.91
CA PRO A 109 7.69 -17.92 -10.47
C PRO A 109 9.05 -17.65 -9.80
N ASN A 110 9.51 -16.40 -9.90
CA ASN A 110 10.69 -15.90 -9.20
C ASN A 110 10.23 -15.12 -7.98
N LEU A 111 10.82 -15.43 -6.84
CA LEU A 111 10.47 -14.78 -5.56
C LEU A 111 11.63 -13.86 -5.18
N LEU A 112 11.33 -12.60 -4.95
CA LEU A 112 12.31 -11.59 -4.50
C LEU A 112 11.93 -11.09 -3.11
N ILE A 113 12.92 -10.92 -2.24
CA ILE A 113 12.73 -10.16 -0.97
C ILE A 113 13.74 -9.04 -1.00
N MET A 114 13.28 -7.79 -1.04
CA MET A 114 14.17 -6.63 -1.08
C MET A 114 13.97 -5.85 0.23
N MET A 115 14.98 -5.09 0.60
CA MET A 115 14.96 -4.36 1.88
C MET A 115 15.52 -2.97 1.69
N TYR A 116 14.95 -2.03 2.42
CA TYR A 116 15.23 -0.58 2.31
C TYR A 116 15.29 0.02 3.72
N ASP A 117 15.87 1.22 3.79
CA ASP A 117 15.73 2.12 4.96
C ASP A 117 14.22 2.43 5.12
N LEU A 118 13.82 2.71 6.36
CA LEU A 118 12.46 3.20 6.68
C LEU A 118 12.21 4.41 5.80
N PRO A 119 10.98 4.67 5.33
CA PRO A 119 10.74 5.91 4.58
C PRO A 119 11.15 7.10 5.46
N ALA A 120 11.88 8.08 4.91
CA ALA A 120 12.19 9.35 5.60
C ALA A 120 10.87 10.07 5.91
N SER A 121 9.89 9.90 5.00
CA SER A 121 8.47 10.32 5.05
C SER A 121 7.72 9.62 6.19
N SER A 126 3.77 22.36 6.05
CA SER A 126 4.00 21.90 7.45
C SER A 126 2.69 21.32 8.00
N ALA A 127 1.79 22.18 8.49
CA ALA A 127 0.42 21.87 9.02
C ALA A 127 -0.50 21.29 7.91
N GLN A 128 -0.14 21.63 6.67
CA GLN A 128 -1.04 21.53 5.51
C GLN A 128 -1.11 20.08 5.02
N GLY A 129 -2.33 19.62 4.77
CA GLY A 129 -2.64 18.42 4.01
C GLY A 129 -2.08 18.48 2.60
N ILE A 130 -1.89 17.32 2.00
CA ILE A 130 -1.40 17.25 0.59
C ILE A 130 -2.49 17.69 -0.39
N LYS A 131 -2.07 18.05 -1.59
CA LYS A 131 -2.97 18.56 -2.63
C LYS A 131 -3.00 17.52 -3.73
N ILE A 132 -4.18 17.05 -4.05
CA ILE A 132 -4.34 15.96 -5.05
C ILE A 132 -5.38 16.33 -6.10
N ILE A 133 -5.32 15.63 -7.22
CA ILE A 133 -6.31 15.72 -8.34
C ILE A 133 -7.15 14.45 -8.39
N THR A 134 -8.40 14.57 -8.78
CA THR A 134 -9.19 13.42 -9.24
C THR A 134 -8.66 13.00 -10.63
N HIS A 135 -8.72 11.72 -10.89
CA HIS A 135 -8.41 11.14 -12.20
C HIS A 135 -9.34 9.99 -12.52
N PRO A 136 -10.10 10.06 -13.63
CA PRO A 136 -10.98 8.96 -14.02
C PRO A 136 -10.19 7.72 -14.47
N PHE A 137 -10.35 6.60 -13.78
CA PHE A 137 -9.57 5.37 -14.01
C PHE A 137 -10.08 4.31 -13.03
N GLN A 138 -10.03 3.06 -13.46
CA GLN A 138 -10.30 1.88 -12.62
C GLN A 138 -9.14 0.91 -12.79
N ARG A 139 -8.42 0.68 -11.71
CA ARG A 139 -7.35 -0.37 -11.60
CA ARG A 139 -7.34 -0.35 -11.66
C ARG A 139 -7.87 -1.73 -12.08
N GLU A 140 -7.03 -2.48 -12.80
CA GLU A 140 -7.27 -3.88 -13.25
C GLU A 140 -7.09 -4.79 -12.04
N LEU A 141 -7.96 -5.79 -11.88
CA LEU A 141 -7.85 -6.82 -10.80
C LEU A 141 -7.57 -6.12 -9.47
N PRO A 142 -8.38 -5.12 -9.08
CA PRO A 142 -7.99 -4.20 -8.01
C PRO A 142 -7.81 -4.80 -6.62
N GLU A 143 -8.49 -5.92 -6.33
CA GLU A 143 -8.38 -6.64 -5.05
C GLU A 143 -7.03 -7.36 -4.99
N VAL A 144 -6.40 -7.59 -6.14
CA VAL A 144 -5.07 -8.28 -6.21
C VAL A 144 -3.93 -7.25 -6.15
N LYS A 145 -2.91 -7.47 -5.33
CA LYS A 145 -1.76 -6.52 -5.31
C LYS A 145 -0.82 -6.89 -6.46
N THR A 146 -1.23 -6.64 -7.70
CA THR A 146 -0.38 -6.90 -8.88
C THR A 146 0.76 -5.88 -8.88
N ILE A 147 1.71 -6.12 -9.76
CA ILE A 147 2.84 -5.19 -10.01
C ILE A 147 2.40 -4.17 -11.05
N ASN A 148 1.14 -4.10 -11.49
CA ASN A 148 0.80 -3.22 -12.62
CA ASN A 148 0.77 -3.21 -12.61
C ASN A 148 0.47 -1.79 -12.10
N TYR A 149 1.42 -0.86 -12.27
CA TYR A 149 1.26 0.57 -11.84
C TYR A 149 1.47 1.55 -13.01
N SER A 150 1.18 1.10 -14.24
CA SER A 150 1.38 1.88 -15.48
C SER A 150 0.73 3.24 -15.31
N THR A 151 -0.59 3.25 -15.09
CA THR A 151 -1.36 4.51 -15.08
C THR A 151 -0.83 5.41 -13.95
N GLY A 152 -0.63 4.88 -12.76
CA GLY A 152 -0.14 5.69 -11.62
C GLY A 152 1.18 6.35 -11.94
N ILE A 153 2.10 5.62 -12.57
CA ILE A 153 3.45 6.16 -12.87
C ILE A 153 3.37 7.13 -14.06
N ARG A 154 2.58 6.76 -15.07
CA ARG A 154 2.44 7.59 -16.29
C ARG A 154 1.84 8.95 -15.87
N MET A 155 1.01 8.94 -14.85
CA MET A 155 0.35 10.17 -14.32
C MET A 155 1.28 11.08 -13.49
N LEU A 156 2.48 10.66 -13.13
CA LEU A 156 3.36 11.50 -12.26
C LEU A 156 3.61 12.89 -12.86
N LYS A 157 3.87 12.98 -14.16
CA LYS A 157 4.15 14.25 -14.86
C LYS A 157 2.89 15.12 -14.79
N THR A 158 1.71 14.54 -15.06
CA THR A 158 0.41 15.26 -15.08
C THR A 158 0.12 15.76 -13.67
N ILE A 159 0.24 14.89 -12.66
CA ILE A 159 0.05 15.30 -11.24
C ILE A 159 0.88 16.55 -10.96
N LYS A 160 2.17 16.51 -11.28
CA LYS A 160 3.16 17.60 -10.99
C LYS A 160 2.80 18.87 -11.77
N GLU A 161 2.63 18.75 -13.09
CA GLU A 161 2.33 19.87 -14.02
C GLU A 161 1.10 20.63 -13.50
N ARG A 162 0.09 19.90 -13.02
CA ARG A 162 -1.18 20.48 -12.54
C ARG A 162 -1.04 21.10 -11.15
N GLY A 163 0.11 20.98 -10.49
CA GLY A 163 0.34 21.61 -9.17
C GLY A 163 -0.06 20.75 -7.98
N ALA A 164 -0.22 19.43 -8.17
CA ALA A 164 -0.61 18.48 -7.11
C ALA A 164 0.58 17.58 -6.78
N THR A 165 0.48 16.73 -5.75
CA THR A 165 1.53 15.74 -5.46
C THR A 165 0.98 14.32 -5.48
N ASP A 166 -0.31 14.14 -5.72
CA ASP A 166 -0.89 12.79 -5.85
C ASP A 166 -2.24 12.89 -6.52
N LEU A 167 -2.90 11.74 -6.69
CA LEU A 167 -4.24 11.65 -7.29
C LEU A 167 -5.12 10.72 -6.46
N ILE A 168 -6.39 10.71 -6.83
CA ILE A 168 -7.45 9.82 -6.32
C ILE A 168 -8.19 9.36 -7.57
N TYR A 169 -8.18 8.04 -7.82
CA TYR A 169 -8.86 7.45 -8.97
C TYR A 169 -10.35 7.49 -8.71
N VAL A 170 -11.08 7.81 -9.77
CA VAL A 170 -12.57 7.80 -9.77
C VAL A 170 -13.09 6.97 -10.95
N ASP A 171 -13.71 5.85 -10.62
CA ASP A 171 -14.15 4.83 -11.61
C ASP A 171 -15.23 5.48 -12.47
N GLN A 172 -14.92 5.58 -13.75
CA GLN A 172 -15.77 6.29 -14.74
C GLN A 172 -16.02 7.74 -14.34
N GLY A 173 -15.15 8.38 -13.53
CA GLY A 173 -15.38 9.75 -13.03
C GLY A 173 -16.52 9.82 -12.03
N GLU A 174 -17.08 8.70 -11.61
CA GLU A 174 -18.28 8.72 -10.73
C GLU A 174 -17.95 8.19 -9.33
N TRP A 175 -17.16 7.11 -9.24
CA TRP A 175 -17.06 6.31 -7.99
C TRP A 175 -15.63 6.40 -7.45
N ILE A 176 -15.48 7.10 -6.34
CA ILE A 176 -14.19 7.29 -5.66
C ILE A 176 -13.63 5.92 -5.26
N ARG A 177 -12.37 5.66 -5.61
CA ARG A 177 -11.73 4.35 -5.30
C ARG A 177 -10.58 4.56 -4.31
N GLU A 178 -9.39 4.72 -4.88
CA GLU A 178 -8.12 4.80 -4.14
C GLU A 178 -7.13 5.57 -5.01
N SER A 179 -5.99 5.96 -4.45
CA SER A 179 -4.85 6.47 -5.23
C SER A 179 -4.09 5.26 -5.82
N ALA A 180 -3.02 5.50 -6.56
CA ALA A 180 -2.20 4.41 -7.12
C ALA A 180 -1.55 3.68 -5.95
N ARG A 181 -1.30 4.36 -4.82
CA ARG A 181 -0.51 3.71 -3.75
C ARG A 181 -1.13 3.89 -2.37
N SER A 182 -2.39 4.29 -2.27
CA SER A 182 -3.01 4.62 -0.96
C SER A 182 -4.50 4.34 -1.01
N ASN A 183 -5.08 3.93 0.11
CA ASN A 183 -6.55 3.90 0.21
C ASN A 183 -7.00 5.29 0.60
N PHE A 184 -8.27 5.56 0.43
CA PHE A 184 -8.81 6.94 0.50
C PHE A 184 -10.02 6.93 1.40
N PHE A 185 -10.08 7.90 2.30
CA PHE A 185 -11.20 8.02 3.24
C PHE A 185 -11.73 9.46 3.27
N LEU A 186 -13.02 9.58 3.54
CA LEU A 186 -13.68 10.86 3.88
C LEU A 186 -14.12 10.82 5.33
N VAL A 187 -14.27 11.99 5.94
CA VAL A 187 -14.95 12.14 7.24
C VAL A 187 -16.02 13.20 7.01
N MET A 188 -17.25 12.83 7.27
CA MET A 188 -18.42 13.71 7.03
CA MET A 188 -18.38 13.75 7.00
C MET A 188 -18.59 14.64 8.23
N PRO A 189 -19.36 15.73 8.09
CA PRO A 189 -19.47 16.67 9.20
C PRO A 189 -20.04 16.08 10.50
N ASP A 190 -20.83 15.01 10.44
CA ASP A 190 -21.31 14.25 11.63
C ASP A 190 -20.27 13.21 12.10
N ASN A 191 -19.06 13.24 11.55
CA ASN A 191 -17.89 12.42 11.97
C ASN A 191 -18.00 11.01 11.44
N THR A 192 -18.92 10.73 10.53
CA THR A 192 -18.98 9.41 9.85
C THR A 192 -17.76 9.32 8.94
N ILE A 193 -17.02 8.22 9.05
CA ILE A 193 -15.82 7.91 8.22
C ILE A 193 -16.33 7.06 7.06
N VAL A 194 -15.98 7.40 5.83
CA VAL A 194 -16.53 6.75 4.62
C VAL A 194 -15.34 6.31 3.79
N THR A 195 -15.38 5.08 3.28
CA THR A 195 -14.30 4.58 2.40
C THR A 195 -14.92 3.57 1.43
N ALA A 196 -14.40 3.45 0.23
CA ALA A 196 -14.92 2.51 -0.78
C ALA A 196 -14.82 1.08 -0.24
N ASP A 197 -15.76 0.21 -0.61
CA ASP A 197 -15.74 -1.20 -0.20
C ASP A 197 -15.35 -2.08 -1.39
N GLU A 198 -15.55 -1.62 -2.62
CA GLU A 198 -15.39 -2.49 -3.81
C GLU A 198 -14.31 -1.92 -4.75
N LYS A 199 -13.68 -2.84 -5.49
CA LYS A 199 -12.81 -2.53 -6.65
C LYS A 199 -11.65 -1.65 -6.17
N ILE A 200 -11.18 -1.93 -4.97
CA ILE A 200 -9.96 -1.30 -4.38
C ILE A 200 -9.09 -2.41 -3.79
N LEU A 201 -7.83 -2.09 -3.52
CA LEU A 201 -6.96 -2.98 -2.74
C LEU A 201 -7.37 -2.86 -1.29
N TRP A 202 -7.46 -3.98 -0.59
CA TRP A 202 -7.77 -3.94 0.85
C TRP A 202 -6.46 -3.69 1.60
N GLY A 203 -6.14 -2.42 1.79
CA GLY A 203 -4.90 -2.01 2.44
C GLY A 203 -4.81 -2.58 3.85
N ILE A 204 -3.62 -2.92 4.31
CA ILE A 204 -3.45 -3.29 5.73
C ILE A 204 -3.68 -2.01 6.59
N THR A 205 -3.20 -0.84 6.14
CA THR A 205 -3.35 0.41 6.93
C THR A 205 -4.84 0.71 7.03
N ARG A 206 -5.53 0.65 5.90
CA ARG A 206 -7.01 0.78 5.82
C ARG A 206 -7.64 -0.11 6.89
N ARG A 207 -7.29 -1.40 6.93
CA ARG A 207 -7.90 -2.39 7.86
C ARG A 207 -7.65 -1.88 9.28
N GLN A 208 -6.41 -1.52 9.61
CA GLN A 208 -6.06 -1.10 11.00
C GLN A 208 -6.77 0.20 11.40
N VAL A 209 -6.86 1.14 10.48
CA VAL A 209 -7.61 2.41 10.73
C VAL A 209 -9.09 2.12 10.93
N ILE A 210 -9.71 1.35 10.04
CA ILE A 210 -11.16 1.05 10.20
C ILE A 210 -11.40 0.41 11.58
N ASP A 211 -10.60 -0.57 11.95
CA ASP A 211 -10.76 -1.28 13.24
C ASP A 211 -10.60 -0.26 14.37
N ALA A 212 -9.53 0.54 14.34
CA ALA A 212 -9.27 1.54 15.40
C ALA A 212 -10.44 2.54 15.47
N ALA A 213 -10.98 2.96 14.32
CA ALA A 213 -12.08 3.94 14.24
C ALA A 213 -13.31 3.32 14.92
N ARG A 214 -13.62 2.08 14.57
CA ARG A 214 -14.82 1.38 15.10
C ARG A 214 -14.61 1.11 16.59
N GLU A 215 -13.41 0.73 17.02
CA GLU A 215 -13.08 0.46 18.45
CA GLU A 215 -13.22 0.43 18.46
C GLU A 215 -13.21 1.75 19.25
N ALA A 216 -12.97 2.90 18.61
CA ALA A 216 -13.17 4.24 19.23
C ALA A 216 -14.66 4.64 19.25
N GLY A 217 -15.53 3.91 18.56
CA GLY A 217 -16.98 4.14 18.53
C GLY A 217 -17.39 5.08 17.40
N TYR A 218 -16.50 5.33 16.42
CA TYR A 218 -16.90 6.07 15.20
C TYR A 218 -17.79 5.20 14.32
N ALA A 219 -18.69 5.82 13.60
CA ALA A 219 -19.43 5.22 12.47
C ALA A 219 -18.46 5.14 11.28
N VAL A 220 -18.31 3.95 10.69
CA VAL A 220 -17.50 3.74 9.46
C VAL A 220 -18.41 3.09 8.44
N GLU A 221 -18.58 3.74 7.32
CA GLU A 221 -19.36 3.20 6.20
C GLU A 221 -18.37 2.80 5.11
N GLU A 222 -18.35 1.53 4.79
CA GLU A 222 -17.62 0.96 3.63
C GLU A 222 -18.64 0.80 2.54
N ARG A 223 -18.60 1.64 1.54
CA ARG A 223 -19.72 1.74 0.59
C ARG A 223 -19.24 2.44 -0.66
N ARG A 224 -20.03 2.38 -1.72
CA ARG A 224 -19.73 3.20 -2.91
C ARG A 224 -19.83 4.67 -2.50
N ILE A 225 -18.87 5.46 -2.97
CA ILE A 225 -18.77 6.92 -2.74
C ILE A 225 -18.94 7.62 -4.08
N HIS A 226 -19.98 8.44 -4.20
CA HIS A 226 -20.16 9.27 -5.41
C HIS A 226 -19.15 10.43 -5.38
N ILE A 227 -18.62 10.81 -6.53
CA ILE A 227 -17.65 11.94 -6.64
C ILE A 227 -18.25 13.21 -5.99
N THR A 228 -19.57 13.39 -6.05
CA THR A 228 -20.27 14.59 -5.51
C THR A 228 -20.20 14.63 -3.99
N GLU A 229 -19.86 13.52 -3.35
CA GLU A 229 -19.76 13.47 -1.88
C GLU A 229 -18.49 14.15 -1.39
N LEU A 230 -17.50 14.43 -2.24
CA LEU A 230 -16.33 15.22 -1.79
C LEU A 230 -16.82 16.53 -1.19
N ASP A 231 -17.88 17.12 -1.76
CA ASP A 231 -18.42 18.41 -1.29
C ASP A 231 -19.23 18.27 0.01
N GLN A 232 -19.68 17.08 0.43
CA GLN A 232 -20.37 16.92 1.74
C GLN A 232 -19.33 16.66 2.84
N ALA A 233 -18.12 16.22 2.48
CA ALA A 233 -17.10 15.77 3.49
C ALA A 233 -16.46 16.97 4.18
N ARG A 234 -16.12 16.81 5.45
CA ARG A 234 -15.31 17.75 6.23
C ARG A 234 -13.84 17.45 6.04
N GLU A 235 -13.43 16.18 6.01
CA GLU A 235 -12.01 15.79 5.97
C GLU A 235 -11.81 14.74 4.91
N ALA A 236 -10.59 14.65 4.41
CA ALA A 236 -10.20 13.52 3.52
C ALA A 236 -8.82 13.11 3.95
N PHE A 237 -8.52 11.82 3.83
CA PHE A 237 -7.17 11.34 4.15
C PHE A 237 -6.88 10.09 3.34
N PHE A 238 -5.58 9.84 3.21
CA PHE A 238 -5.02 8.59 2.62
C PHE A 238 -4.59 7.65 3.74
N THR A 239 -4.56 6.35 3.46
CA THR A 239 -3.86 5.38 4.31
C THR A 239 -2.93 4.58 3.42
N SER A 240 -1.74 4.26 3.93
CA SER A 240 -0.84 3.27 3.28
C SER A 240 0.23 2.91 4.27
N THR A 241 0.92 1.85 3.93
CA THR A 241 2.03 1.32 4.70
C THR A 241 3.05 2.42 4.99
N ILE A 242 3.43 3.20 4.00
CA ILE A 242 4.54 4.18 4.14
C ILE A 242 4.00 5.54 4.66
N LYS A 243 2.75 5.89 4.37
CA LYS A 243 2.12 7.17 4.82
C LYS A 243 1.56 7.07 6.24
N GLY A 244 1.23 5.87 6.72
CA GLY A 244 0.19 5.67 7.76
C GLY A 244 -1.11 6.39 7.39
N VAL A 245 -1.57 7.34 8.21
CA VAL A 245 -2.73 8.22 7.92
C VAL A 245 -2.21 9.58 7.46
N MET A 246 -2.56 10.01 6.26
CA MET A 246 -2.00 11.28 5.75
C MET A 246 -3.15 12.19 5.34
N ALA A 247 -3.20 13.38 5.94
CA ALA A 247 -4.28 14.37 5.71
C ALA A 247 -4.17 14.86 4.27
N ILE A 248 -5.30 14.98 3.62
CA ILE A 248 -5.45 15.64 2.31
C ILE A 248 -6.09 17.01 2.56
N GLY A 249 -5.42 18.07 2.11
CA GLY A 249 -5.83 19.46 2.36
C GLY A 249 -6.64 20.00 1.21
N GLN A 250 -6.42 19.48 -0.01
CA GLN A 250 -7.11 19.97 -1.21
C GLN A 250 -7.30 18.82 -2.21
N ILE A 251 -8.49 18.73 -2.77
CA ILE A 251 -8.81 17.89 -3.94
C ILE A 251 -9.35 18.79 -5.03
N ASP A 252 -8.64 18.83 -6.15
CA ASP A 252 -9.00 19.78 -7.23
C ASP A 252 -9.05 21.19 -6.60
N ASP A 253 -10.17 21.92 -6.72
CA ASP A 253 -10.25 23.35 -6.30
C ASP A 253 -10.88 23.48 -4.91
N ARG A 254 -11.02 22.35 -4.20
CA ARG A 254 -11.72 22.28 -2.88
C ARG A 254 -10.66 22.11 -1.79
N VAL A 255 -10.53 23.12 -0.93
CA VAL A 255 -9.75 23.04 0.33
C VAL A 255 -10.68 22.44 1.38
N PHE A 256 -10.19 21.41 2.05
CA PHE A 256 -10.86 20.74 3.19
C PHE A 256 -10.56 21.56 4.46
N GLY A 257 -11.57 22.28 4.95
CA GLY A 257 -11.34 23.19 6.08
C GLY A 257 -10.37 24.27 5.67
N ASP A 258 -9.38 24.58 6.52
CA ASP A 258 -8.30 25.54 6.21
C ASP A 258 -7.13 24.78 5.57
N GLY A 259 -7.34 23.50 5.24
CA GLY A 259 -6.34 22.61 4.58
C GLY A 259 -5.42 21.91 5.57
N THR A 260 -5.49 22.26 6.84
CA THR A 260 -4.77 21.55 7.93
C THR A 260 -5.58 20.31 8.34
N ILE A 261 -4.92 19.38 9.00
CA ILE A 261 -5.45 18.04 9.36
C ILE A 261 -6.77 18.19 10.12
N GLY A 262 -7.78 17.44 9.73
CA GLY A 262 -9.07 17.52 10.43
C GLY A 262 -8.98 16.82 11.76
N LYS A 263 -9.99 17.06 12.59
CA LYS A 263 -10.09 16.48 13.93
C LYS A 263 -9.99 14.96 13.86
N VAL A 264 -10.85 14.32 13.09
CA VAL A 264 -10.98 12.84 13.14
C VAL A 264 -9.72 12.25 12.50
N THR A 265 -9.21 12.86 11.45
CA THR A 265 -7.98 12.40 10.77
C THR A 265 -6.84 12.36 11.78
N GLN A 266 -6.66 13.44 12.56
CA GLN A 266 -5.64 13.54 13.62
C GLN A 266 -5.86 12.41 14.63
N GLU A 267 -7.11 12.18 15.06
CA GLU A 267 -7.41 11.11 16.04
CA GLU A 267 -7.30 11.13 16.09
C GLU A 267 -6.96 9.76 15.47
N LEU A 268 -7.34 9.53 14.21
CA LEU A 268 -7.06 8.21 13.56
C LEU A 268 -5.56 8.04 13.36
N GLN A 269 -4.84 9.10 13.04
CA GLN A 269 -3.37 9.08 12.96
C GLN A 269 -2.81 8.57 14.27
N ASP A 270 -3.22 9.14 15.40
CA ASP A 270 -2.73 8.70 16.75
C ASP A 270 -3.14 7.24 17.01
N LEU A 271 -4.37 6.86 16.68
CA LEU A 271 -4.86 5.48 16.88
C LEU A 271 -4.06 4.50 16.03
N PHE A 272 -3.69 4.90 14.82
CA PHE A 272 -2.86 4.00 13.97
C PHE A 272 -1.52 3.78 14.64
N VAL A 273 -0.88 4.85 15.11
CA VAL A 273 0.42 4.73 15.83
C VAL A 273 0.19 3.77 17.00
N GLY A 274 -0.94 3.88 17.68
CA GLY A 274 -1.31 2.99 18.79
C GLY A 274 -1.43 1.53 18.35
N LYS A 275 -2.01 1.26 17.17
CA LYS A 275 -2.14 -0.11 16.61
C LYS A 275 -0.75 -0.66 16.36
N VAL A 276 0.15 0.17 15.86
CA VAL A 276 1.57 -0.22 15.60
C VAL A 276 2.21 -0.56 16.95
N LYS A 277 2.03 0.30 17.94
CA LYS A 277 2.71 0.09 19.25
C LYS A 277 2.16 -1.19 19.89
N ALA A 278 0.84 -1.39 19.85
CA ALA A 278 0.18 -2.61 20.35
C ALA A 278 0.76 -3.83 19.61
N TYR A 279 0.87 -3.77 18.28
CA TYR A 279 1.41 -4.91 17.52
C TYR A 279 2.83 -5.25 18.01
N LEU A 280 3.68 -4.24 18.18
CA LEU A 280 5.09 -4.45 18.55
C LEU A 280 5.14 -5.08 19.95
N GLU A 281 4.19 -4.73 20.83
CA GLU A 281 4.14 -5.29 22.21
C GLU A 281 3.88 -6.80 22.15
N THR A 282 3.25 -7.31 21.08
CA THR A 282 2.99 -8.75 20.85
C THR A 282 4.18 -9.50 20.24
N CYS A 283 5.25 -8.80 19.89
CA CYS A 283 6.38 -9.45 19.25
C CYS A 283 7.50 -9.72 20.26
#